data_7TMU
#
_entry.id   7TMU
#
_cell.length_a   61.872
_cell.length_b   92.935
_cell.length_c   82.991
_cell.angle_alpha   90.000
_cell.angle_beta   92.053
_cell.angle_gamma   90.000
#
_symmetry.space_group_name_H-M   'P 1 21 1'
#
loop_
_entity.id
_entity.type
_entity.pdbx_description
1 polymer 'SRPBCC family protein'
2 non-polymer DI(HYDROXYETHYL)ETHER
3 non-polymer 'POTASSIUM ION'
4 non-polymer 'CHLORIDE ION'
5 non-polymer 1,2-ETHANEDIOL
6 non-polymer GLYCEROL
7 water water
#
_entity_poly.entity_id   1
_entity_poly.type   'polypeptide(L)'
_entity_poly.pdbx_seq_one_letter_code
;SNAVN(MSE)(MSE)ECITVSDVINVSVEEVWKKISAFDEFSDYHPGAVRSFYLHQAADQQGSIRRVE(MSE)SDGYVEE
LLVNIDPKNYHLEYSILKSSFPLDGYSAEIKLIPVTQDNRTFIQWNVSFTTTHPSPEALVAEIKNNVLIAGINGLNDYFS
KS
;
_entity_poly.pdbx_strand_id   A,B,C,D
#
loop_
_chem_comp.id
_chem_comp.type
_chem_comp.name
_chem_comp.formula
CL non-polymer 'CHLORIDE ION' 'Cl -1'
EDO non-polymer 1,2-ETHANEDIOL 'C2 H6 O2'
GOL non-polymer GLYCEROL 'C3 H8 O3'
K non-polymer 'POTASSIUM ION' 'K 1'
PEG non-polymer DI(HYDROXYETHYL)ETHER 'C4 H10 O3'
#
# COMPACT_ATOMS: atom_id res chain seq x y z
N ASN A 5 -1.09 8.29 12.13
CA ASN A 5 0.17 7.71 12.61
C ASN A 5 0.09 7.34 14.09
N MSE A 6 -0.82 7.98 14.81
CA MSE A 6 -0.98 7.74 16.24
C MSE A 6 -1.80 6.49 16.49
O MSE A 6 -2.80 6.23 15.80
CB MSE A 6 -1.61 8.94 16.93
CG MSE A 6 -1.07 9.24 18.32
SE MSE A 6 0.73 10.01 18.30
CE MSE A 6 1.79 8.38 18.52
N MSE A 7 -1.40 5.69 17.48
CA MSE A 7 -2.08 4.45 17.80
C MSE A 7 -3.26 4.70 18.74
O MSE A 7 -3.08 5.00 19.91
CB MSE A 7 -1.11 3.46 18.44
CG MSE A 7 -1.59 2.02 18.47
SE MSE A 7 -1.22 1.07 16.81
CE MSE A 7 -1.87 -0.69 17.31
N GLU A 8 -4.47 4.57 18.21
CA GLU A 8 -5.66 4.72 19.03
C GLU A 8 -5.83 3.51 19.96
N CYS A 9 -6.56 3.73 21.05
CA CYS A 9 -6.79 2.67 22.02
C CYS A 9 -8.11 2.92 22.74
N ILE A 10 -8.99 1.93 22.71
CA ILE A 10 -10.30 2.02 23.33
C ILE A 10 -10.45 0.85 24.30
N THR A 11 -11.03 1.13 25.47
CA THR A 11 -11.26 0.11 26.50
C THR A 11 -12.67 0.28 27.05
N VAL A 12 -13.49 -0.76 26.90
CA VAL A 12 -14.87 -0.76 27.40
C VAL A 12 -15.06 -2.01 28.24
N SER A 13 -15.62 -1.83 29.45
CA SER A 13 -15.86 -2.95 30.35
C SER A 13 -17.21 -2.77 31.02
N ASP A 14 -17.90 -3.88 31.26
CA ASP A 14 -19.22 -3.87 31.88
C ASP A 14 -19.46 -5.24 32.49
N VAL A 15 -20.60 -5.38 33.17
CA VAL A 15 -20.99 -6.62 33.84
C VAL A 15 -22.26 -7.12 33.19
N ILE A 16 -22.21 -8.33 32.63
CA ILE A 16 -23.36 -8.97 31.99
C ILE A 16 -23.96 -9.97 32.97
N ASN A 17 -25.28 -9.99 33.08
CA ASN A 17 -25.98 -10.86 34.03
C ASN A 17 -26.20 -12.24 33.42
N VAL A 18 -25.09 -12.98 33.33
CA VAL A 18 -25.09 -14.34 32.79
C VAL A 18 -23.77 -14.99 33.17
N SER A 19 -23.79 -16.31 33.45
CA SER A 19 -22.60 -17.01 33.89
C SER A 19 -21.48 -16.90 32.87
N VAL A 20 -20.24 -16.98 33.36
CA VAL A 20 -19.08 -16.82 32.50
C VAL A 20 -18.97 -17.96 31.50
N GLU A 21 -19.47 -19.15 31.85
CA GLU A 21 -19.41 -20.27 30.92
C GLU A 21 -20.28 -20.02 29.69
N GLU A 22 -21.45 -19.40 29.89
CA GLU A 22 -22.35 -19.13 28.77
C GLU A 22 -21.86 -17.96 27.91
N VAL A 23 -21.20 -16.97 28.52
CA VAL A 23 -20.64 -15.87 27.75
C VAL A 23 -19.48 -16.37 26.90
N TRP A 24 -18.61 -17.21 27.47
CA TRP A 24 -17.46 -17.71 26.74
C TRP A 24 -17.88 -18.62 25.60
N LYS A 25 -18.93 -19.42 25.81
CA LYS A 25 -19.37 -20.34 24.77
C LYS A 25 -19.82 -19.58 23.52
N LYS A 26 -20.53 -18.47 23.70
CA LYS A 26 -20.99 -17.68 22.56
C LYS A 26 -19.86 -16.85 21.96
N ILE A 27 -18.97 -16.32 22.80
CA ILE A 27 -17.87 -15.49 22.30
C ILE A 27 -16.83 -16.34 21.57
N SER A 28 -16.47 -17.49 22.13
CA SER A 28 -15.52 -18.37 21.47
C SER A 28 -16.07 -18.93 20.17
N ALA A 29 -17.40 -18.98 19.99
CA ALA A 29 -17.98 -19.27 18.70
C ALA A 29 -17.72 -18.08 17.78
N PHE A 30 -16.62 -18.14 17.03
CA PHE A 30 -16.11 -16.95 16.35
C PHE A 30 -17.08 -16.46 15.27
N ASP A 31 -17.75 -17.38 14.58
CA ASP A 31 -18.58 -17.02 13.45
C ASP A 31 -19.97 -16.51 13.84
N GLU A 32 -20.37 -16.69 15.10
CA GLU A 32 -21.70 -16.28 15.56
C GLU A 32 -21.73 -14.85 16.09
N PHE A 33 -20.92 -13.96 15.51
CA PHE A 33 -20.86 -12.59 16.00
C PHE A 33 -22.14 -11.82 15.70
N SER A 34 -22.73 -12.05 14.53
CA SER A 34 -23.93 -11.32 14.13
C SER A 34 -25.16 -11.74 14.92
N ASP A 35 -25.10 -12.83 15.68
CA ASP A 35 -26.26 -13.28 16.44
C ASP A 35 -26.61 -12.31 17.57
N TYR A 36 -25.61 -11.65 18.16
CA TYR A 36 -25.85 -10.75 19.28
C TYR A 36 -25.49 -9.29 19.03
N HIS A 37 -24.69 -8.99 18.00
CA HIS A 37 -24.33 -7.61 17.71
C HIS A 37 -25.35 -7.00 16.77
N PRO A 38 -26.04 -5.92 17.15
CA PRO A 38 -27.09 -5.38 16.28
C PRO A 38 -26.58 -4.75 15.00
N GLY A 39 -25.32 -4.31 14.97
CA GLY A 39 -24.78 -3.71 13.76
C GLY A 39 -24.27 -4.69 12.73
N ALA A 40 -24.23 -5.98 13.05
CA ALA A 40 -23.73 -7.01 12.15
C ALA A 40 -24.92 -7.72 11.52
N VAL A 41 -24.97 -7.71 10.19
CA VAL A 41 -26.07 -8.37 9.48
C VAL A 41 -25.84 -9.88 9.42
N ARG A 42 -24.68 -10.28 8.90
CA ARG A 42 -24.31 -11.69 8.84
C ARG A 42 -22.88 -11.87 9.32
N SER A 43 -22.57 -13.09 9.74
CA SER A 43 -21.22 -13.44 10.17
C SER A 43 -21.02 -14.94 9.97
N PHE A 44 -19.87 -15.31 9.42
CA PHE A 44 -19.60 -16.70 9.11
C PHE A 44 -18.10 -16.90 9.00
N TYR A 45 -17.70 -18.17 8.90
CA TYR A 45 -16.29 -18.51 8.77
C TYR A 45 -15.86 -18.46 7.30
N LEU A 46 -14.71 -17.85 7.05
CA LEU A 46 -14.04 -18.05 5.77
C LEU A 46 -13.14 -19.29 5.81
N HIS A 47 -12.44 -19.48 6.92
CA HIS A 47 -11.67 -20.69 7.20
C HIS A 47 -11.75 -20.96 8.69
N GLN A 48 -12.05 -22.20 9.06
CA GLN A 48 -12.21 -22.58 10.46
C GLN A 48 -11.13 -23.58 10.85
N ALA A 49 -10.56 -23.39 12.04
CA ALA A 49 -9.51 -24.25 12.55
C ALA A 49 -10.07 -25.20 13.61
N ALA A 50 -9.50 -26.41 13.65
CA ALA A 50 -9.92 -27.38 14.66
C ALA A 50 -9.52 -26.92 16.06
N ASP A 51 -8.35 -26.29 16.19
CA ASP A 51 -7.89 -25.71 17.44
C ASP A 51 -8.26 -24.23 17.56
N GLN A 52 -9.31 -23.79 16.86
CA GLN A 52 -9.83 -22.43 16.94
C GLN A 52 -8.82 -21.38 16.47
N GLN A 53 -7.61 -21.40 17.03
CA GLN A 53 -6.59 -20.44 16.66
C GLN A 53 -6.27 -20.55 15.17
N GLY A 54 -6.31 -19.42 14.47
CA GLY A 54 -6.11 -19.39 13.04
C GLY A 54 -7.38 -19.27 12.22
N SER A 55 -8.55 -19.39 12.86
CA SER A 55 -9.80 -19.24 12.16
C SER A 55 -9.97 -17.82 11.63
N ILE A 56 -10.62 -17.70 10.48
CA ILE A 56 -10.87 -16.42 9.83
C ILE A 56 -12.37 -16.27 9.63
N ARG A 57 -12.95 -15.21 10.18
CA ARG A 57 -14.37 -14.93 10.04
C ARG A 57 -14.58 -13.69 9.19
N ARG A 58 -15.80 -13.55 8.67
CA ARG A 58 -16.21 -12.37 7.92
C ARG A 58 -17.48 -11.82 8.55
N VAL A 59 -17.42 -10.58 9.00
CA VAL A 59 -18.56 -9.90 9.60
C VAL A 59 -19.04 -8.83 8.63
N GLU A 60 -20.26 -8.98 8.13
CA GLU A 60 -20.85 -8.03 7.21
C GLU A 60 -21.79 -7.10 7.98
N MSE A 61 -21.52 -5.81 7.91
CA MSE A 61 -22.33 -4.82 8.63
C MSE A 61 -23.10 -3.96 7.64
O MSE A 61 -23.06 -4.19 6.44
CB MSE A 61 -21.44 -3.97 9.53
CG MSE A 61 -20.13 -4.65 9.92
SE MSE A 61 -19.42 -4.00 11.61
CE MSE A 61 -20.70 -4.85 12.82
N SER A 62 -23.80 -2.94 8.16
CA SER A 62 -24.61 -2.10 7.28
C SER A 62 -23.75 -1.12 6.48
N ASP A 63 -22.57 -0.76 7.02
CA ASP A 63 -21.65 0.15 6.37
C ASP A 63 -20.75 -0.57 5.38
N GLY A 64 -19.96 -1.52 5.87
CA GLY A 64 -19.06 -2.30 5.03
C GLY A 64 -18.91 -3.70 5.58
N TYR A 65 -17.74 -4.28 5.39
CA TYR A 65 -17.44 -5.63 5.83
C TYR A 65 -16.15 -5.63 6.64
N VAL A 66 -15.84 -6.79 7.22
CA VAL A 66 -14.63 -6.97 8.01
C VAL A 66 -14.27 -8.44 7.99
N GLU A 67 -12.98 -8.73 7.83
CA GLU A 67 -12.47 -10.09 7.86
C GLU A 67 -11.37 -10.17 8.91
N GLU A 68 -11.62 -10.96 9.96
CA GLU A 68 -10.76 -10.98 11.14
C GLU A 68 -10.13 -12.36 11.31
N LEU A 69 -8.89 -12.37 11.79
CA LEU A 69 -8.14 -13.59 12.09
C LEU A 69 -8.09 -13.78 13.60
N LEU A 70 -8.42 -14.99 14.05
CA LEU A 70 -8.34 -15.34 15.46
C LEU A 70 -6.89 -15.69 15.77
N VAL A 71 -6.14 -14.72 16.30
CA VAL A 71 -4.70 -14.90 16.47
C VAL A 71 -4.36 -15.72 17.71
N ASN A 72 -5.23 -15.74 18.73
CA ASN A 72 -4.93 -16.47 19.96
C ASN A 72 -6.21 -16.59 20.78
N ILE A 73 -6.35 -17.72 21.46
CA ILE A 73 -7.49 -17.96 22.34
C ILE A 73 -7.01 -18.81 23.52
N ASP A 74 -7.47 -18.47 24.71
CA ASP A 74 -7.06 -19.15 25.94
C ASP A 74 -8.29 -19.40 26.79
N PRO A 75 -8.89 -20.59 26.66
CA PRO A 75 -10.15 -20.86 27.39
C PRO A 75 -9.99 -20.86 28.89
N LYS A 76 -8.82 -21.24 29.42
CA LYS A 76 -8.63 -21.30 30.86
C LYS A 76 -8.72 -19.91 31.50
N ASN A 77 -8.25 -18.88 30.79
CA ASN A 77 -8.28 -17.52 31.31
C ASN A 77 -9.36 -16.66 30.63
N TYR A 78 -10.23 -17.27 29.84
CA TYR A 78 -11.29 -16.56 29.12
C TYR A 78 -10.74 -15.38 28.34
N HIS A 79 -9.60 -15.60 27.68
CA HIS A 79 -8.90 -14.57 26.93
C HIS A 79 -9.03 -14.86 25.44
N LEU A 80 -9.19 -13.80 24.65
CA LEU A 80 -9.43 -13.94 23.22
C LEU A 80 -8.86 -12.72 22.50
N GLU A 81 -8.06 -12.97 21.47
CA GLU A 81 -7.42 -11.90 20.70
C GLU A 81 -7.63 -12.16 19.21
N TYR A 82 -8.01 -11.12 18.48
CA TYR A 82 -8.21 -11.22 17.04
C TYR A 82 -7.83 -9.91 16.38
N SER A 83 -7.50 -9.98 15.09
CA SER A 83 -7.05 -8.81 14.34
C SER A 83 -7.70 -8.83 12.96
N ILE A 84 -7.79 -7.65 12.36
CA ILE A 84 -8.43 -7.48 11.05
C ILE A 84 -7.42 -7.72 9.95
N LEU A 85 -7.74 -8.62 9.03
CA LEU A 85 -6.91 -8.87 7.86
C LEU A 85 -7.31 -7.96 6.69
N LYS A 86 -8.59 -7.89 6.39
CA LYS A 86 -9.11 -7.03 5.33
C LYS A 86 -10.37 -6.33 5.83
N SER A 87 -10.55 -5.09 5.38
CA SER A 87 -11.70 -4.29 5.80
C SER A 87 -11.91 -3.15 4.82
N SER A 88 -13.17 -2.76 4.65
CA SER A 88 -13.52 -1.60 3.85
C SER A 88 -13.51 -0.31 4.65
N PHE A 89 -13.10 -0.35 5.93
CA PHE A 89 -13.00 0.77 6.84
C PHE A 89 -11.56 1.25 6.93
N PRO A 90 -11.35 2.54 7.24
CA PRO A 90 -9.97 3.04 7.39
C PRO A 90 -9.32 2.62 8.70
N LEU A 91 -9.18 1.30 8.87
CA LEU A 91 -8.61 0.72 10.08
C LEU A 91 -7.34 -0.05 9.70
N ASP A 92 -6.19 0.47 10.12
CA ASP A 92 -4.90 -0.12 9.84
C ASP A 92 -4.28 -0.63 11.13
N GLY A 93 -3.78 -1.87 11.09
CA GLY A 93 -3.21 -2.47 12.29
C GLY A 93 -4.22 -2.72 13.39
N TYR A 94 -5.47 -3.03 13.01
CA TYR A 94 -6.52 -3.21 14.00
C TYR A 94 -6.34 -4.53 14.74
N SER A 95 -6.41 -4.48 16.07
CA SER A 95 -6.37 -5.67 16.91
C SER A 95 -7.34 -5.48 18.06
N ALA A 96 -8.10 -6.53 18.37
CA ALA A 96 -9.11 -6.49 19.41
C ALA A 96 -8.85 -7.58 20.43
N GLU A 97 -9.45 -7.42 21.61
CA GLU A 97 -9.15 -8.30 22.74
C GLU A 97 -10.38 -8.36 23.65
N ILE A 98 -10.72 -9.56 24.10
CA ILE A 98 -11.84 -9.79 25.00
C ILE A 98 -11.36 -10.63 26.17
N LYS A 99 -11.63 -10.16 27.39
CA LYS A 99 -11.24 -10.84 28.62
C LYS A 99 -12.44 -10.95 29.54
N LEU A 100 -12.76 -12.18 29.97
CA LEU A 100 -13.87 -12.43 30.86
C LEU A 100 -13.36 -12.83 32.24
N ILE A 101 -14.01 -12.30 33.27
CA ILE A 101 -13.71 -12.67 34.65
C ILE A 101 -15.03 -12.95 35.37
N PRO A 102 -15.16 -14.08 36.04
CA PRO A 102 -16.45 -14.40 36.69
C PRO A 102 -16.75 -13.48 37.85
N VAL A 103 -18.03 -13.24 38.06
CA VAL A 103 -18.53 -12.47 39.21
C VAL A 103 -19.33 -13.45 40.05
N THR A 104 -18.76 -13.86 41.18
CA THR A 104 -19.35 -14.95 41.96
C THR A 104 -20.73 -14.58 42.49
N GLN A 105 -20.92 -13.33 42.91
CA GLN A 105 -22.20 -12.90 43.43
C GLN A 105 -23.21 -12.83 42.29
N ASP A 106 -24.25 -13.67 42.37
CA ASP A 106 -25.29 -13.85 41.36
C ASP A 106 -24.77 -14.44 40.06
N ASN A 107 -23.51 -14.89 40.03
CA ASN A 107 -22.94 -15.63 38.90
C ASN A 107 -23.06 -14.85 37.58
N ARG A 108 -22.43 -13.68 37.56
CA ARG A 108 -22.42 -12.83 36.38
C ARG A 108 -21.05 -12.92 35.70
N THR A 109 -20.81 -12.01 34.76
CA THR A 109 -19.59 -12.02 33.97
C THR A 109 -19.06 -10.61 33.82
N PHE A 110 -17.79 -10.41 34.14
CA PHE A 110 -17.10 -9.16 33.89
C PHE A 110 -16.41 -9.26 32.53
N ILE A 111 -16.88 -8.47 31.57
CA ILE A 111 -16.35 -8.48 30.22
C ILE A 111 -15.51 -7.22 30.02
N GLN A 112 -14.39 -7.36 29.33
CA GLN A 112 -13.50 -6.24 29.02
C GLN A 112 -13.11 -6.33 27.55
N TRP A 113 -13.42 -5.27 26.79
CA TRP A 113 -13.22 -5.25 25.34
C TRP A 113 -12.25 -4.13 25.01
N ASN A 114 -11.07 -4.50 24.52
CA ASN A 114 -10.02 -3.54 24.18
C ASN A 114 -9.70 -3.64 22.70
N VAL A 115 -9.56 -2.49 22.05
CA VAL A 115 -9.17 -2.43 20.64
C VAL A 115 -8.05 -1.39 20.49
N SER A 116 -7.24 -1.57 19.46
CA SER A 116 -6.16 -0.64 19.14
C SER A 116 -5.96 -0.64 17.63
N PHE A 117 -5.77 0.55 17.07
CA PHE A 117 -5.65 0.67 15.62
C PHE A 117 -5.04 2.02 15.28
N THR A 118 -4.57 2.12 14.03
CA THR A 118 -4.17 3.37 13.42
C THR A 118 -5.07 3.63 12.23
N THR A 119 -5.37 4.90 11.96
CA THR A 119 -6.34 5.23 10.93
C THR A 119 -5.84 6.39 10.08
N THR A 120 -6.26 6.39 8.82
CA THR A 120 -6.08 7.52 7.92
C THR A 120 -7.33 8.40 7.86
N HIS A 121 -8.29 8.16 8.75
CA HIS A 121 -9.51 8.95 8.78
C HIS A 121 -9.17 10.38 9.22
N PRO A 122 -9.69 11.40 8.54
CA PRO A 122 -9.33 12.77 8.91
C PRO A 122 -9.86 13.19 10.28
N SER A 123 -10.97 12.60 10.73
CA SER A 123 -11.52 12.89 12.04
C SER A 123 -11.44 11.64 12.91
N PRO A 124 -10.28 11.36 13.51
CA PRO A 124 -10.15 10.12 14.28
C PRO A 124 -10.94 10.12 15.58
N GLU A 125 -11.11 11.29 16.20
CA GLU A 125 -11.88 11.36 17.44
C GLU A 125 -13.32 10.92 17.23
N ALA A 126 -13.89 11.19 16.06
CA ALA A 126 -15.22 10.69 15.75
C ALA A 126 -15.19 9.20 15.44
N LEU A 127 -14.08 8.70 14.91
CA LEU A 127 -14.00 7.27 14.58
C LEU A 127 -13.82 6.43 15.83
N VAL A 128 -13.05 6.94 16.81
CA VAL A 128 -12.89 6.19 18.06
C VAL A 128 -14.17 6.25 18.88
N ALA A 129 -14.94 7.33 18.77
CA ALA A 129 -16.23 7.39 19.45
C ALA A 129 -17.27 6.54 18.74
N GLU A 130 -17.12 6.37 17.43
CA GLU A 130 -18.04 5.51 16.69
C GLU A 130 -17.83 4.04 17.07
N ILE A 131 -16.57 3.62 17.20
CA ILE A 131 -16.28 2.23 17.56
C ILE A 131 -16.61 1.98 19.02
N LYS A 132 -16.34 2.95 19.89
CA LYS A 132 -16.57 2.76 21.31
C LYS A 132 -18.05 2.55 21.62
N ASN A 133 -18.92 3.32 20.98
CA ASN A 133 -20.35 3.29 21.30
C ASN A 133 -21.13 2.30 20.45
N ASN A 134 -20.88 2.27 19.15
CA ASN A 134 -21.69 1.47 18.22
C ASN A 134 -21.08 0.10 17.92
N VAL A 135 -19.94 -0.25 18.50
CA VAL A 135 -19.33 -1.56 18.26
C VAL A 135 -19.07 -2.26 19.59
N LEU A 136 -18.41 -1.57 20.52
CA LEU A 136 -18.04 -2.16 21.81
C LEU A 136 -19.21 -2.11 22.81
N ILE A 137 -19.72 -0.90 23.08
CA ILE A 137 -20.84 -0.78 24.00
C ILE A 137 -22.08 -1.45 23.43
N ALA A 138 -22.31 -1.29 22.12
CA ALA A 138 -23.44 -1.95 21.49
C ALA A 138 -23.29 -3.46 21.49
N GLY A 139 -22.06 -3.96 21.38
CA GLY A 139 -21.84 -5.40 21.40
C GLY A 139 -22.04 -6.01 22.76
N ILE A 140 -21.63 -5.30 23.82
CA ILE A 140 -21.82 -5.79 25.18
C ILE A 140 -23.30 -5.80 25.54
N ASN A 141 -23.99 -4.69 25.23
CA ASN A 141 -25.43 -4.65 25.46
C ASN A 141 -26.18 -5.66 24.60
N GLY A 142 -25.64 -5.96 23.40
CA GLY A 142 -26.25 -7.00 22.58
C GLY A 142 -26.09 -8.38 23.18
N LEU A 143 -24.91 -8.67 23.74
CA LEU A 143 -24.72 -9.92 24.47
C LEU A 143 -25.64 -10.00 25.68
N ASN A 144 -25.93 -8.85 26.30
CA ASN A 144 -26.85 -8.83 27.44
C ASN A 144 -28.29 -9.06 27.00
N ASP A 145 -28.66 -8.57 25.81
CA ASP A 145 -30.00 -8.83 25.29
C ASP A 145 -30.12 -10.25 24.74
N TYR A 146 -29.03 -10.81 24.22
CA TYR A 146 -29.06 -12.17 23.70
C TYR A 146 -29.37 -13.18 24.80
N PHE A 147 -28.92 -12.92 26.02
CA PHE A 147 -29.14 -13.82 27.15
C PHE A 147 -30.29 -13.38 28.04
N SER A 148 -31.21 -12.57 27.51
CA SER A 148 -32.38 -12.15 28.28
C SER A 148 -33.46 -13.23 28.26
N ASN B 5 25.20 10.52 1.60
CA ASN B 5 24.26 9.65 0.90
C ASN B 5 22.82 10.11 1.08
N MSE B 6 21.90 9.41 0.43
CA MSE B 6 20.48 9.70 0.56
C MSE B 6 19.81 8.67 1.45
O MSE B 6 18.87 8.98 2.19
CB MSE B 6 19.82 9.73 -0.83
CG MSE B 6 18.30 9.78 -0.81
SE MSE B 6 17.62 11.27 0.25
CE MSE B 6 16.42 12.06 -1.08
N MSE B 7 20.31 7.44 1.39
CA MSE B 7 19.76 6.34 2.18
C MSE B 7 20.35 6.30 3.58
O MSE B 7 21.56 6.43 3.77
CB MSE B 7 20.01 5.01 1.48
CG MSE B 7 19.37 4.88 0.12
SE MSE B 7 17.42 4.89 0.16
CE MSE B 7 17.13 3.10 0.89
N GLU B 8 19.47 6.13 4.57
CA GLU B 8 19.92 5.90 5.94
C GLU B 8 20.28 4.43 6.09
N CYS B 9 21.44 4.16 6.69
CA CYS B 9 21.94 2.80 6.83
C CYS B 9 22.37 2.58 8.28
N ILE B 10 21.84 1.53 8.89
CA ILE B 10 22.18 1.15 10.26
C ILE B 10 22.70 -0.28 10.24
N THR B 11 23.75 -0.52 11.01
CA THR B 11 24.31 -1.87 11.14
C THR B 11 24.78 -2.07 12.58
N VAL B 12 24.21 -3.06 13.25
CA VAL B 12 24.62 -3.42 14.60
C VAL B 12 24.96 -4.90 14.60
N SER B 13 26.01 -5.26 15.35
CA SER B 13 26.45 -6.64 15.44
C SER B 13 26.85 -6.96 16.87
N ASP B 14 26.62 -8.20 17.27
CA ASP B 14 26.90 -8.65 18.62
C ASP B 14 27.06 -10.16 18.59
N VAL B 15 27.54 -10.72 19.70
CA VAL B 15 27.66 -12.15 19.87
C VAL B 15 26.62 -12.60 20.90
N ILE B 16 25.95 -13.70 20.60
CA ILE B 16 24.93 -14.27 21.46
C ILE B 16 25.41 -15.62 21.94
N ASN B 17 25.35 -15.85 23.26
CA ASN B 17 25.84 -17.08 23.85
C ASN B 17 24.86 -18.23 23.65
N VAL B 18 24.44 -18.44 22.40
CA VAL B 18 23.53 -19.51 22.02
C VAL B 18 24.06 -20.13 20.74
N SER B 19 23.84 -21.44 20.60
CA SER B 19 24.28 -22.14 19.39
C SER B 19 23.62 -21.53 18.16
N VAL B 20 24.33 -21.58 17.03
CA VAL B 20 23.84 -20.95 15.81
C VAL B 20 22.60 -21.66 15.29
N GLU B 21 22.46 -22.97 15.57
CA GLU B 21 21.28 -23.69 15.13
C GLU B 21 20.04 -23.25 15.91
N GLU B 22 20.21 -22.87 17.18
CA GLU B 22 19.07 -22.43 17.98
C GLU B 22 18.70 -20.99 17.69
N VAL B 23 19.70 -20.12 17.48
CA VAL B 23 19.42 -18.74 17.11
C VAL B 23 18.72 -18.69 15.76
N TRP B 24 19.18 -19.49 14.80
CA TRP B 24 18.52 -19.54 13.50
C TRP B 24 17.13 -20.15 13.61
N LYS B 25 16.92 -21.07 14.55
CA LYS B 25 15.60 -21.67 14.72
C LYS B 25 14.56 -20.62 15.09
N LYS B 26 14.92 -19.70 15.99
CA LYS B 26 13.98 -18.67 16.41
C LYS B 26 13.91 -17.52 15.41
N ILE B 27 15.05 -17.16 14.81
CA ILE B 27 15.07 -16.07 13.83
C ILE B 27 14.28 -16.47 12.58
N SER B 28 14.49 -17.70 12.10
CA SER B 28 13.74 -18.19 10.95
C SER B 28 12.24 -18.25 11.21
N ALA B 29 11.82 -18.38 12.47
CA ALA B 29 10.41 -18.32 12.82
C ALA B 29 9.91 -16.89 12.63
N PHE B 30 9.35 -16.61 11.45
CA PHE B 30 9.08 -15.23 11.07
C PHE B 30 7.97 -14.60 11.92
N ASP B 31 6.99 -15.40 12.35
CA ASP B 31 5.86 -14.86 13.10
C ASP B 31 6.15 -14.65 14.58
N GLU B 32 7.15 -15.35 15.13
CA GLU B 32 7.47 -15.29 16.55
C GLU B 32 8.42 -14.15 16.89
N PHE B 33 8.34 -13.03 16.15
CA PHE B 33 9.22 -11.90 16.41
C PHE B 33 8.95 -11.27 17.76
N SER B 34 7.67 -11.17 18.14
CA SER B 34 7.28 -10.53 19.39
C SER B 34 7.69 -11.32 20.63
N ASP B 35 8.06 -12.59 20.46
CA ASP B 35 8.44 -13.40 21.61
C ASP B 35 9.75 -12.91 22.22
N TYR B 36 10.76 -12.67 21.39
CA TYR B 36 12.06 -12.24 21.90
C TYR B 36 12.22 -10.72 21.94
N HIS B 37 11.52 -9.98 21.08
CA HIS B 37 11.66 -8.53 21.06
C HIS B 37 10.74 -7.91 22.11
N PRO B 38 11.28 -7.14 23.06
CA PRO B 38 10.41 -6.56 24.10
C PRO B 38 9.53 -5.44 23.59
N GLY B 39 9.97 -4.71 22.56
CA GLY B 39 9.18 -3.61 22.04
C GLY B 39 8.00 -4.00 21.18
N ALA B 40 7.83 -5.29 20.90
CA ALA B 40 6.73 -5.79 20.08
C ALA B 40 5.66 -6.40 20.97
N VAL B 41 4.42 -5.93 20.81
CA VAL B 41 3.31 -6.46 21.60
C VAL B 41 2.90 -7.83 21.09
N ARG B 42 2.70 -7.95 19.78
CA ARG B 42 2.30 -9.22 19.18
C ARG B 42 2.83 -9.28 17.76
N SER B 43 2.81 -10.49 17.20
CA SER B 43 3.24 -10.70 15.82
C SER B 43 2.62 -12.00 15.31
N PHE B 44 2.25 -12.01 14.04
CA PHE B 44 1.58 -13.15 13.44
C PHE B 44 1.66 -13.06 11.93
N TYR B 45 1.25 -14.13 11.26
CA TYR B 45 1.26 -14.19 9.81
C TYR B 45 -0.02 -13.60 9.23
N LEU B 46 0.14 -12.69 8.28
CA LEU B 46 -0.93 -12.33 7.37
C LEU B 46 -0.98 -13.23 6.15
N HIS B 47 0.12 -13.91 5.87
CA HIS B 47 0.24 -14.85 4.76
C HIS B 47 1.46 -15.72 5.03
N GLN B 48 1.28 -17.03 5.03
CA GLN B 48 2.37 -17.97 5.24
C GLN B 48 2.56 -18.80 3.98
N ALA B 49 3.73 -18.68 3.37
CA ALA B 49 4.06 -19.42 2.16
C ALA B 49 4.72 -20.75 2.52
N ALA B 50 4.59 -21.72 1.62
CA ALA B 50 5.18 -23.04 1.86
C ALA B 50 6.70 -22.96 1.88
N ASP B 51 7.29 -22.20 0.95
CA ASP B 51 8.73 -22.03 0.88
C ASP B 51 9.23 -20.90 1.77
N GLN B 52 8.48 -20.54 2.81
CA GLN B 52 8.83 -19.46 3.73
C GLN B 52 8.95 -18.12 3.02
N GLN B 53 9.78 -18.06 1.97
CA GLN B 53 9.90 -16.86 1.16
C GLN B 53 8.55 -16.45 0.61
N GLY B 54 8.22 -15.16 0.74
CA GLY B 54 6.94 -14.63 0.35
C GLY B 54 5.94 -14.49 1.48
N SER B 55 6.27 -14.99 2.67
CA SER B 55 5.37 -14.86 3.80
C SER B 55 5.33 -13.43 4.30
N ILE B 56 4.16 -12.99 4.74
CA ILE B 56 3.95 -11.63 5.24
C ILE B 56 3.57 -11.71 6.71
N ARG B 57 4.19 -10.87 7.52
CA ARG B 57 3.91 -10.80 8.96
C ARG B 57 3.51 -9.39 9.34
N ARG B 58 2.76 -9.27 10.43
CA ARG B 58 2.45 -7.99 11.03
C ARG B 58 3.04 -7.95 12.43
N VAL B 59 3.80 -6.90 12.72
CA VAL B 59 4.43 -6.70 14.03
C VAL B 59 3.88 -5.42 14.63
N GLU B 60 3.22 -5.54 15.77
CA GLU B 60 2.57 -4.40 16.43
C GLU B 60 3.46 -3.95 17.59
N MSE B 61 4.01 -2.75 17.47
CA MSE B 61 4.75 -2.14 18.57
C MSE B 61 3.78 -1.33 19.42
O MSE B 61 2.58 -1.33 19.17
CB MSE B 61 5.88 -1.24 18.04
CG MSE B 61 6.44 -1.68 16.70
SE MSE B 61 7.43 -3.35 16.83
CE MSE B 61 8.93 -2.78 17.93
N SER B 62 4.31 -0.62 20.42
CA SER B 62 3.46 0.23 21.23
C SER B 62 3.12 1.53 20.52
N ASP B 63 4.01 2.01 19.66
CA ASP B 63 3.81 3.27 18.94
C ASP B 63 3.20 3.09 17.56
N GLY B 64 3.11 1.86 17.07
CA GLY B 64 2.51 1.63 15.78
C GLY B 64 2.64 0.18 15.36
N TYR B 65 2.36 -0.07 14.09
CA TYR B 65 2.40 -1.40 13.53
C TYR B 65 3.30 -1.40 12.29
N VAL B 66 3.73 -2.61 11.90
CA VAL B 66 4.58 -2.81 10.74
C VAL B 66 4.18 -4.11 10.07
N GLU B 67 4.06 -4.09 8.74
CA GLU B 67 3.79 -5.28 7.95
C GLU B 67 4.97 -5.54 7.03
N GLU B 68 5.63 -6.68 7.22
CA GLU B 68 6.88 -7.00 6.55
C GLU B 68 6.74 -8.25 5.68
N LEU B 69 7.46 -8.25 4.57
CA LEU B 69 7.48 -9.36 3.63
C LEU B 69 8.86 -10.02 3.64
N LEU B 70 8.89 -11.33 3.86
CA LEU B 70 10.15 -12.08 3.84
C LEU B 70 10.58 -12.25 2.39
N VAL B 71 11.53 -11.41 1.97
CA VAL B 71 11.91 -11.39 0.56
C VAL B 71 12.73 -12.63 0.19
N ASN B 72 13.68 -13.02 1.05
CA ASN B 72 14.55 -14.13 0.73
C ASN B 72 14.99 -14.84 2.01
N ILE B 73 15.00 -16.17 1.96
CA ILE B 73 15.48 -17.01 3.05
C ILE B 73 16.64 -17.84 2.52
N ASP B 74 17.61 -18.11 3.40
CA ASP B 74 18.77 -18.91 3.02
C ASP B 74 19.36 -19.61 4.24
N PRO B 75 18.91 -20.82 4.56
CA PRO B 75 19.43 -21.49 5.76
C PRO B 75 20.89 -21.91 5.64
N LYS B 76 21.39 -22.18 4.43
CA LYS B 76 22.77 -22.61 4.28
C LYS B 76 23.76 -21.54 4.73
N ASN B 77 23.42 -20.27 4.50
CA ASN B 77 24.28 -19.15 4.88
C ASN B 77 23.76 -18.40 6.10
N TYR B 78 22.70 -18.89 6.74
CA TYR B 78 22.06 -18.20 7.85
C TYR B 78 21.73 -16.75 7.49
N HIS B 79 21.23 -16.57 6.26
CA HIS B 79 20.91 -15.26 5.73
C HIS B 79 19.39 -15.09 5.69
N LEU B 80 18.93 -13.87 5.96
CA LEU B 80 17.51 -13.58 6.08
C LEU B 80 17.28 -12.15 5.64
N GLU B 81 16.32 -11.93 4.75
CA GLU B 81 16.07 -10.61 4.18
C GLU B 81 14.58 -10.35 4.10
N TYR B 82 14.15 -9.19 4.59
CA TYR B 82 12.74 -8.82 4.56
C TYR B 82 12.61 -7.31 4.39
N SER B 83 11.47 -6.89 3.86
CA SER B 83 11.19 -5.49 3.58
C SER B 83 9.81 -5.12 4.11
N ILE B 84 9.62 -3.82 4.36
CA ILE B 84 8.36 -3.32 4.87
C ILE B 84 7.40 -3.07 3.71
N LEU B 85 6.19 -3.63 3.80
CA LEU B 85 5.16 -3.38 2.81
C LEU B 85 4.25 -2.21 3.20
N LYS B 86 4.02 -2.03 4.50
CA LYS B 86 3.02 -1.09 4.98
C LYS B 86 3.14 -0.90 6.49
N SER B 87 3.18 0.34 6.95
CA SER B 87 3.33 0.62 8.37
C SER B 87 2.79 2.01 8.67
N SER B 88 2.69 2.31 9.96
CA SER B 88 2.28 3.63 10.43
C SER B 88 3.48 4.53 10.71
N PHE B 89 4.71 4.05 10.52
CA PHE B 89 5.93 4.80 10.73
C PHE B 89 6.41 5.42 9.43
N PRO B 90 7.06 6.58 9.48
CA PRO B 90 7.57 7.20 8.25
C PRO B 90 8.81 6.49 7.72
N LEU B 91 8.64 5.25 7.26
CA LEU B 91 9.73 4.45 6.74
C LEU B 91 9.47 4.11 5.28
N ASP B 92 10.32 4.59 4.39
CA ASP B 92 10.18 4.38 2.95
C ASP B 92 11.38 3.61 2.42
N GLY B 93 11.11 2.67 1.52
CA GLY B 93 12.17 1.81 1.00
C GLY B 93 12.87 1.00 2.05
N TYR B 94 12.15 0.61 3.11
CA TYR B 94 12.78 -0.08 4.23
C TYR B 94 13.11 -1.52 3.87
N SER B 95 14.36 -1.90 4.04
CA SER B 95 14.79 -3.28 3.90
C SER B 95 15.74 -3.62 5.05
N ALA B 96 15.66 -4.86 5.50
CA ALA B 96 16.46 -5.32 6.63
C ALA B 96 16.99 -6.71 6.34
N GLU B 97 18.13 -7.04 6.95
CA GLU B 97 18.72 -8.36 6.79
C GLU B 97 19.41 -8.77 8.08
N ILE B 98 19.43 -10.09 8.31
CA ILE B 98 20.10 -10.67 9.46
C ILE B 98 21.05 -11.76 8.95
N LYS B 99 22.31 -11.70 9.40
CA LYS B 99 23.31 -12.68 9.02
C LYS B 99 23.93 -13.28 10.28
N LEU B 100 23.95 -14.61 10.35
CA LEU B 100 24.51 -15.33 11.49
C LEU B 100 25.76 -16.07 11.07
N ILE B 101 26.79 -15.99 11.91
CA ILE B 101 28.02 -16.74 11.71
C ILE B 101 28.35 -17.47 13.00
N PRO B 102 28.61 -18.78 12.96
CA PRO B 102 28.91 -19.51 14.20
C PRO B 102 30.23 -19.09 14.80
N VAL B 103 30.28 -19.10 16.13
CA VAL B 103 31.51 -18.88 16.90
C VAL B 103 31.89 -20.21 17.51
N THR B 104 32.91 -20.86 16.95
CA THR B 104 33.26 -22.21 17.36
C THR B 104 33.64 -22.30 18.83
N GLN B 105 34.29 -21.26 19.35
CA GLN B 105 34.64 -21.24 20.77
C GLN B 105 33.39 -20.98 21.60
N ASP B 106 33.06 -21.93 22.47
CA ASP B 106 31.88 -21.93 23.35
C ASP B 106 30.57 -22.06 22.57
N ASN B 107 30.63 -22.34 21.26
CA ASN B 107 29.45 -22.57 20.43
C ASN B 107 28.47 -21.39 20.52
N ARG B 108 29.01 -20.19 20.34
CA ARG B 108 28.20 -18.98 20.38
C ARG B 108 27.73 -18.63 18.97
N THR B 109 27.19 -17.43 18.79
CA THR B 109 26.65 -17.02 17.51
C THR B 109 26.93 -15.54 17.28
N PHE B 110 27.48 -15.22 16.11
CA PHE B 110 27.69 -13.84 15.69
C PHE B 110 26.51 -13.42 14.82
N ILE B 111 25.75 -12.44 15.30
CA ILE B 111 24.57 -11.94 14.60
C ILE B 111 24.87 -10.53 14.09
N GLN B 112 24.50 -10.28 12.84
CA GLN B 112 24.64 -8.96 12.23
C GLN B 112 23.28 -8.54 11.68
N TRP B 113 22.83 -7.36 12.08
CA TRP B 113 21.49 -6.86 11.74
C TRP B 113 21.64 -5.52 11.04
N ASN B 114 21.35 -5.49 9.75
CA ASN B 114 21.48 -4.29 8.93
C ASN B 114 20.11 -3.86 8.42
N VAL B 115 19.86 -2.56 8.44
CA VAL B 115 18.64 -1.99 7.87
C VAL B 115 19.02 -0.79 7.01
N SER B 116 18.22 -0.56 5.97
CA SER B 116 18.38 0.58 5.10
C SER B 116 17.01 1.14 4.77
N PHE B 117 16.89 2.46 4.78
CA PHE B 117 15.60 3.11 4.55
C PHE B 117 15.84 4.60 4.32
N THR B 118 14.78 5.28 3.91
CA THR B 118 14.71 6.74 3.88
C THR B 118 13.45 7.16 4.60
N THR B 119 13.41 8.44 4.99
CA THR B 119 12.29 8.91 5.79
C THR B 119 11.99 10.36 5.48
N THR B 120 10.73 10.75 5.69
CA THR B 120 10.31 12.14 5.67
C THR B 120 10.21 12.72 7.06
N HIS B 121 10.70 12.01 8.07
CA HIS B 121 10.69 12.50 9.44
C HIS B 121 11.49 13.80 9.52
N PRO B 122 11.00 14.80 10.26
CA PRO B 122 11.72 16.08 10.31
C PRO B 122 13.13 15.96 10.87
N SER B 123 13.33 15.09 11.86
CA SER B 123 14.66 14.82 12.43
C SER B 123 15.01 13.36 12.15
N PRO B 124 15.59 13.06 11.00
CA PRO B 124 15.95 11.66 10.69
C PRO B 124 17.04 11.11 11.59
N GLU B 125 17.89 11.97 12.16
CA GLU B 125 18.93 11.49 13.06
C GLU B 125 18.33 10.89 14.32
N ALA B 126 17.23 11.47 14.82
CA ALA B 126 16.57 10.91 15.99
C ALA B 126 15.85 9.62 15.67
N LEU B 127 15.35 9.48 14.43
CA LEU B 127 14.68 8.24 14.04
C LEU B 127 15.67 7.11 13.88
N VAL B 128 16.87 7.40 13.36
CA VAL B 128 17.90 6.37 13.20
C VAL B 128 18.33 5.85 14.56
N ALA B 129 18.60 6.75 15.51
CA ALA B 129 18.98 6.33 16.85
C ALA B 129 17.87 5.55 17.53
N GLU B 130 16.61 5.86 17.21
CA GLU B 130 15.48 5.13 17.80
C GLU B 130 15.43 3.70 17.30
N ILE B 131 15.67 3.50 15.99
CA ILE B 131 15.66 2.15 15.43
C ILE B 131 16.92 1.39 15.84
N LYS B 132 18.04 2.09 15.94
CA LYS B 132 19.30 1.44 16.29
C LYS B 132 19.25 0.85 17.69
N ASN B 133 18.82 1.65 18.67
CA ASN B 133 18.86 1.21 20.06
C ASN B 133 17.63 0.42 20.47
N ASN B 134 16.44 0.92 20.14
CA ASN B 134 15.19 0.36 20.66
C ASN B 134 14.54 -0.65 19.72
N VAL B 135 15.14 -0.94 18.57
CA VAL B 135 14.63 -1.95 17.65
C VAL B 135 15.69 -3.00 17.36
N LEU B 136 16.89 -2.57 16.94
CA LEU B 136 17.94 -3.51 16.57
C LEU B 136 18.70 -4.01 17.81
N ILE B 137 19.30 -3.08 18.57
CA ILE B 137 20.05 -3.46 19.76
C ILE B 137 19.13 -4.13 20.77
N ALA B 138 17.93 -3.57 20.97
CA ALA B 138 16.98 -4.15 21.91
C ALA B 138 16.50 -5.52 21.44
N GLY B 139 16.52 -5.75 20.13
CA GLY B 139 16.12 -7.04 19.59
C GLY B 139 17.17 -8.12 19.82
N ILE B 140 18.44 -7.75 19.65
CA ILE B 140 19.53 -8.71 19.89
C ILE B 140 19.60 -9.06 21.37
N ASN B 141 19.54 -8.05 22.25
CA ASN B 141 19.53 -8.32 23.68
C ASN B 141 18.28 -9.09 24.08
N GLY B 142 17.14 -8.76 23.46
CA GLY B 142 15.93 -9.54 23.70
C GLY B 142 16.06 -10.97 23.20
N LEU B 143 16.78 -11.17 22.09
CA LEU B 143 17.03 -12.53 21.63
C LEU B 143 18.00 -13.26 22.56
N ASN B 144 18.89 -12.52 23.21
CA ASN B 144 19.82 -13.14 24.16
C ASN B 144 19.12 -13.53 25.45
N ASP B 145 18.21 -12.68 25.93
CA ASP B 145 17.47 -12.98 27.15
C ASP B 145 16.38 -14.03 26.92
N TYR B 146 15.98 -14.24 25.67
CA TYR B 146 14.93 -15.20 25.40
C TYR B 146 15.39 -16.63 25.65
N PHE B 147 16.61 -16.97 25.22
CA PHE B 147 17.12 -18.33 25.39
C PHE B 147 17.63 -18.59 26.81
N SER B 148 17.92 -17.55 27.58
CA SER B 148 18.40 -17.76 28.95
C SER B 148 17.27 -18.26 29.86
N LYS B 149 16.04 -17.85 29.59
CA LYS B 149 14.90 -18.29 30.39
C LYS B 149 14.25 -19.53 29.77
N ALA C 3 4.03 34.78 0.67
CA ALA C 3 3.39 33.92 -0.30
C ALA C 3 1.91 34.27 -0.47
N VAL C 4 1.61 35.02 -1.53
CA VAL C 4 0.26 35.46 -1.82
C VAL C 4 -0.33 34.49 -2.83
N ASN C 5 -1.19 33.59 -2.36
CA ASN C 5 -1.85 32.60 -3.21
C ASN C 5 -3.23 33.14 -3.56
N MSE C 6 -3.43 33.46 -4.84
CA MSE C 6 -4.70 34.02 -5.30
C MSE C 6 -5.73 32.93 -5.57
O MSE C 6 -5.45 31.97 -6.30
CB MSE C 6 -4.48 34.87 -6.55
CG MSE C 6 -5.19 36.22 -6.50
SE MSE C 6 -4.55 37.35 -5.04
CE MSE C 6 -3.01 38.16 -5.93
N MSE C 7 -6.92 33.07 -4.98
CA MSE C 7 -7.98 32.07 -5.09
C MSE C 7 -8.73 32.22 -6.42
O MSE C 7 -9.05 33.32 -6.84
CB MSE C 7 -8.96 32.18 -3.93
CG MSE C 7 -8.32 32.65 -2.63
SE MSE C 7 -9.56 32.72 -1.12
CE MSE C 7 -9.81 30.80 -0.84
N GLU C 8 -9.01 31.09 -7.07
CA GLU C 8 -9.73 31.07 -8.32
C GLU C 8 -10.84 30.02 -8.25
N CYS C 9 -11.88 30.21 -9.07
CA CYS C 9 -13.00 29.29 -9.13
C CYS C 9 -13.59 29.32 -10.53
N ILE C 10 -13.93 28.14 -11.06
CA ILE C 10 -14.51 27.99 -12.38
C ILE C 10 -15.73 27.09 -12.29
N THR C 11 -16.78 27.43 -13.03
CA THR C 11 -17.99 26.62 -13.10
C THR C 11 -18.42 26.52 -14.55
N VAL C 12 -18.51 25.29 -15.04
CA VAL C 12 -18.92 25.01 -16.43
C VAL C 12 -20.05 23.99 -16.39
N SER C 13 -21.13 24.27 -17.10
CA SER C 13 -22.28 23.39 -17.17
C SER C 13 -22.77 23.26 -18.60
N ASP C 14 -23.27 22.08 -18.94
CA ASP C 14 -23.77 21.80 -20.28
C ASP C 14 -24.75 20.64 -20.19
N VAL C 15 -25.37 20.32 -21.32
CA VAL C 15 -26.33 19.22 -21.41
C VAL C 15 -25.85 18.26 -22.47
N ILE C 16 -25.63 17.01 -22.09
CA ILE C 16 -25.22 15.94 -22.99
C ILE C 16 -26.41 15.05 -23.26
N ASN C 17 -26.66 14.75 -24.53
CA ASN C 17 -27.81 13.94 -24.92
C ASN C 17 -27.55 12.45 -24.69
N VAL C 18 -27.17 12.09 -23.47
CA VAL C 18 -26.90 10.71 -23.08
C VAL C 18 -27.62 10.43 -21.77
N SER C 19 -28.00 9.17 -21.57
CA SER C 19 -28.61 8.77 -20.31
C SER C 19 -27.64 9.01 -19.16
N VAL C 20 -28.18 9.42 -18.01
CA VAL C 20 -27.34 9.79 -16.88
C VAL C 20 -26.59 8.59 -16.35
N GLU C 21 -27.23 7.42 -16.32
CA GLU C 21 -26.55 6.21 -15.86
C GLU C 21 -25.37 5.85 -16.76
N GLU C 22 -25.46 6.19 -18.06
CA GLU C 22 -24.33 5.97 -18.95
C GLU C 22 -23.25 7.02 -18.75
N VAL C 23 -23.65 8.28 -18.53
CA VAL C 23 -22.65 9.32 -18.27
C VAL C 23 -21.95 9.06 -16.95
N TRP C 24 -22.69 8.66 -15.93
CA TRP C 24 -22.09 8.33 -14.64
C TRP C 24 -21.20 7.11 -14.74
N LYS C 25 -21.54 6.16 -15.63
CA LYS C 25 -20.74 4.96 -15.78
C LYS C 25 -19.33 5.30 -16.26
N LYS C 26 -19.21 6.25 -17.19
CA LYS C 26 -17.90 6.64 -17.68
C LYS C 26 -17.20 7.59 -16.72
N ILE C 27 -17.96 8.45 -16.04
CA ILE C 27 -17.36 9.37 -15.07
C ILE C 27 -16.84 8.60 -13.86
N SER C 28 -17.59 7.60 -13.41
CA SER C 28 -17.16 6.82 -12.25
C SER C 28 -15.86 6.08 -12.53
N ALA C 29 -15.65 5.66 -13.77
CA ALA C 29 -14.37 5.05 -14.16
C ALA C 29 -13.26 6.08 -14.04
N PHE C 30 -12.64 6.15 -12.85
CA PHE C 30 -11.70 7.22 -12.56
C PHE C 30 -10.48 7.18 -13.48
N ASP C 31 -10.04 5.98 -13.88
CA ASP C 31 -8.82 5.83 -14.65
C ASP C 31 -9.01 6.01 -16.15
N GLU C 32 -10.25 6.06 -16.64
CA GLU C 32 -10.51 6.17 -18.06
C GLU C 32 -10.67 7.62 -18.54
N PHE C 33 -10.04 8.56 -17.83
CA PHE C 33 -10.16 9.97 -18.18
C PHE C 33 -9.62 10.25 -19.58
N SER C 34 -8.55 9.56 -19.97
CA SER C 34 -7.92 9.81 -21.27
C SER C 34 -8.77 9.32 -22.43
N ASP C 35 -9.79 8.49 -22.17
CA ASP C 35 -10.61 7.97 -23.27
C ASP C 35 -11.44 9.06 -23.91
N TYR C 36 -11.98 9.98 -23.12
CA TYR C 36 -12.88 11.00 -23.64
C TYR C 36 -12.30 12.41 -23.61
N HIS C 37 -11.11 12.62 -23.03
CA HIS C 37 -10.53 13.96 -23.00
C HIS C 37 -9.47 14.08 -24.07
N PRO C 38 -9.58 15.04 -24.99
CA PRO C 38 -8.57 15.18 -26.06
C PRO C 38 -7.22 15.65 -25.55
N GLY C 39 -7.15 16.28 -24.39
CA GLY C 39 -5.90 16.73 -23.84
C GLY C 39 -5.14 15.70 -23.02
N ALA C 40 -5.79 14.60 -22.66
CA ALA C 40 -5.17 13.56 -21.85
C ALA C 40 -4.72 12.41 -22.77
N VAL C 41 -3.41 12.19 -22.82
CA VAL C 41 -2.87 11.10 -23.63
C VAL C 41 -3.09 9.76 -22.93
N ARG C 42 -2.66 9.64 -21.67
CA ARG C 42 -2.80 8.42 -20.90
C ARG C 42 -3.41 8.74 -19.55
N SER C 43 -4.15 7.78 -19.01
CA SER C 43 -4.71 7.90 -17.67
C SER C 43 -4.87 6.50 -17.09
N PHE C 44 -4.43 6.31 -15.85
CA PHE C 44 -4.44 4.98 -15.25
C PHE C 44 -4.35 5.13 -13.73
N TYR C 45 -4.71 4.05 -13.05
CA TYR C 45 -4.68 4.01 -11.59
C TYR C 45 -3.24 3.86 -11.10
N LEU C 46 -2.79 4.81 -10.27
CA LEU C 46 -1.62 4.55 -9.44
C LEU C 46 -1.97 3.71 -8.23
N HIS C 47 -3.23 3.74 -7.80
CA HIS C 47 -3.73 2.89 -6.73
C HIS C 47 -5.25 2.85 -6.84
N GLN C 48 -5.82 1.66 -6.93
CA GLN C 48 -7.26 1.49 -7.03
C GLN C 48 -7.80 0.92 -5.73
N ALA C 49 -8.78 1.60 -5.14
CA ALA C 49 -9.43 1.14 -3.92
C ALA C 49 -10.79 0.56 -4.25
N ALA C 50 -11.11 -0.58 -3.62
CA ALA C 50 -12.41 -1.20 -3.84
C ALA C 50 -13.54 -0.29 -3.39
N ASP C 51 -13.31 0.53 -2.37
CA ASP C 51 -14.30 1.51 -1.92
C ASP C 51 -14.36 2.73 -2.83
N GLN C 52 -13.69 2.68 -3.99
CA GLN C 52 -13.59 3.80 -4.93
C GLN C 52 -12.94 5.02 -4.29
N GLN C 53 -13.45 5.47 -3.15
CA GLN C 53 -12.79 6.53 -2.41
C GLN C 53 -11.38 6.09 -2.01
N GLY C 54 -10.41 6.98 -2.21
CA GLY C 54 -9.02 6.66 -1.95
C GLY C 54 -8.23 6.28 -3.17
N SER C 55 -8.89 6.06 -4.31
CA SER C 55 -8.18 5.73 -5.53
C SER C 55 -7.40 6.93 -6.04
N ILE C 56 -6.22 6.67 -6.58
CA ILE C 56 -5.34 7.70 -7.11
C ILE C 56 -5.05 7.37 -8.57
N ARG C 57 -5.17 8.38 -9.44
CA ARG C 57 -4.94 8.22 -10.87
C ARG C 57 -3.81 9.13 -11.33
N ARG C 58 -3.14 8.72 -12.40
CA ARG C 58 -2.14 9.52 -13.08
C ARG C 58 -2.68 9.90 -14.45
N VAL C 59 -2.65 11.20 -14.76
CA VAL C 59 -3.08 11.72 -16.05
C VAL C 59 -1.89 12.34 -16.73
N GLU C 60 -1.51 11.81 -17.89
CA GLU C 60 -0.34 12.26 -18.63
C GLU C 60 -0.77 13.03 -19.87
N MSE C 61 -0.42 14.31 -19.92
CA MSE C 61 -0.62 15.11 -21.12
C MSE C 61 0.71 15.22 -21.87
O MSE C 61 1.74 14.77 -21.38
CB MSE C 61 -1.15 16.50 -20.77
CG MSE C 61 -2.44 16.52 -19.96
SE MSE C 61 -2.15 16.39 -18.03
CE MSE C 61 -3.94 16.85 -17.43
N SER C 62 0.66 15.84 -23.05
CA SER C 62 1.89 16.05 -23.81
C SER C 62 2.77 17.10 -23.15
N ASP C 63 2.18 18.03 -22.40
CA ASP C 63 2.92 19.12 -21.78
C ASP C 63 3.30 18.86 -20.33
N GLY C 64 2.49 18.10 -19.60
CA GLY C 64 2.75 17.87 -18.19
C GLY C 64 2.08 16.59 -17.71
N TYR C 65 1.86 16.53 -16.39
CA TYR C 65 1.21 15.38 -15.77
C TYR C 65 0.45 15.83 -14.54
N VAL C 66 -0.53 15.03 -14.14
CA VAL C 66 -1.33 15.30 -12.95
C VAL C 66 -1.59 13.98 -12.22
N GLU C 67 -1.47 14.00 -10.89
CA GLU C 67 -1.85 12.89 -10.04
C GLU C 67 -2.97 13.33 -9.11
N GLU C 68 -4.09 12.61 -9.14
CA GLU C 68 -5.31 13.05 -8.48
C GLU C 68 -5.85 11.94 -7.58
N LEU C 69 -6.41 12.36 -6.45
CA LEU C 69 -7.05 11.46 -5.49
C LEU C 69 -8.56 11.62 -5.56
N LEU C 70 -9.27 10.51 -5.67
CA LEU C 70 -10.73 10.53 -5.66
C LEU C 70 -11.20 10.72 -4.22
N VAL C 71 -11.69 11.91 -3.90
CA VAL C 71 -12.04 12.23 -2.52
C VAL C 71 -13.38 11.62 -2.14
N ASN C 72 -14.45 12.08 -2.79
CA ASN C 72 -15.80 11.62 -2.49
C ASN C 72 -16.46 11.09 -3.75
N ILE C 73 -17.21 9.98 -3.60
CA ILE C 73 -18.00 9.42 -4.68
C ILE C 73 -19.38 9.07 -4.10
N ASP C 74 -20.43 9.59 -4.74
CA ASP C 74 -21.80 9.41 -4.27
C ASP C 74 -22.65 8.96 -5.45
N PRO C 75 -22.79 7.65 -5.65
CA PRO C 75 -23.55 7.16 -6.81
C PRO C 75 -25.02 7.53 -6.77
N LYS C 76 -25.62 7.58 -5.59
CA LYS C 76 -27.06 7.88 -5.49
C LYS C 76 -27.36 9.30 -5.95
N ASN C 77 -26.50 10.26 -5.60
CA ASN C 77 -26.69 11.65 -5.99
C ASN C 77 -25.90 12.03 -7.23
N TYR C 78 -25.22 11.06 -7.86
CA TYR C 78 -24.40 11.31 -9.04
C TYR C 78 -23.39 12.42 -8.77
N HIS C 79 -22.77 12.38 -7.60
CA HIS C 79 -21.82 13.40 -7.17
C HIS C 79 -20.42 12.79 -7.07
N LEU C 80 -19.42 13.60 -7.37
CA LEU C 80 -18.04 13.13 -7.43
C LEU C 80 -17.11 14.29 -7.10
N GLU C 81 -16.02 14.00 -6.38
CA GLU C 81 -15.08 15.02 -5.96
C GLU C 81 -13.68 14.44 -5.97
N TYR C 82 -12.73 15.21 -6.50
CA TYR C 82 -11.34 14.77 -6.55
C TYR C 82 -10.43 15.99 -6.48
N SER C 83 -9.20 15.75 -6.04
CA SER C 83 -8.22 16.81 -5.84
C SER C 83 -6.86 16.36 -6.34
N ILE C 84 -6.00 17.34 -6.64
CA ILE C 84 -4.67 17.07 -7.17
C ILE C 84 -3.71 16.86 -6.01
N LEU C 85 -3.03 15.71 -6.01
CA LEU C 85 -1.96 15.40 -5.06
C LEU C 85 -0.63 15.96 -5.53
N LYS C 86 -0.24 15.66 -6.78
CA LYS C 86 0.98 16.18 -7.37
C LYS C 86 0.68 16.62 -8.80
N SER C 87 1.44 17.60 -9.28
CA SER C 87 1.24 18.14 -10.62
C SER C 87 2.47 18.94 -11.01
N SER C 88 2.64 19.10 -12.33
CA SER C 88 3.68 19.93 -12.90
C SER C 88 3.15 21.29 -13.36
N PHE C 89 1.95 21.66 -12.94
CA PHE C 89 1.31 22.89 -13.33
C PHE C 89 1.25 23.87 -12.15
N PRO C 90 1.21 25.18 -12.41
CA PRO C 90 1.15 26.15 -11.30
C PRO C 90 -0.21 26.16 -10.62
N LEU C 91 -0.54 25.07 -9.92
CA LEU C 91 -1.82 24.95 -9.22
C LEU C 91 -1.58 24.44 -7.81
N ASP C 92 -2.28 25.03 -6.85
CA ASP C 92 -2.17 24.65 -5.45
C ASP C 92 -3.57 24.51 -4.87
N GLY C 93 -3.75 23.48 -4.03
CA GLY C 93 -5.06 23.23 -3.45
C GLY C 93 -6.14 22.97 -4.46
N TYR C 94 -5.80 22.36 -5.60
CA TYR C 94 -6.77 22.13 -6.66
C TYR C 94 -7.77 21.06 -6.24
N SER C 95 -9.05 21.44 -6.23
CA SER C 95 -10.15 20.51 -5.96
C SER C 95 -11.20 20.68 -7.03
N ALA C 96 -11.67 19.55 -7.58
CA ALA C 96 -12.67 19.56 -8.63
C ALA C 96 -13.90 18.79 -8.18
N GLU C 97 -15.02 19.06 -8.84
CA GLU C 97 -16.31 18.50 -8.44
C GLU C 97 -17.16 18.31 -9.68
N ILE C 98 -17.81 17.15 -9.79
CA ILE C 98 -18.68 16.82 -10.92
C ILE C 98 -20.03 16.39 -10.36
N LYS C 99 -21.09 17.08 -10.80
CA LYS C 99 -22.45 16.77 -10.38
C LYS C 99 -23.29 16.50 -11.62
N LEU C 100 -24.02 15.39 -11.60
CA LEU C 100 -24.91 15.00 -12.69
C LEU C 100 -26.35 15.05 -12.20
N ILE C 101 -27.21 15.72 -12.96
CA ILE C 101 -28.64 15.78 -12.64
C ILE C 101 -29.42 15.29 -13.87
N PRO C 102 -30.33 14.34 -13.70
CA PRO C 102 -31.09 13.87 -14.87
C PRO C 102 -32.14 14.87 -15.30
N VAL C 103 -32.22 15.09 -16.61
CA VAL C 103 -33.31 15.83 -17.22
C VAL C 103 -34.28 14.83 -17.83
N THR C 104 -35.53 14.86 -17.39
CA THR C 104 -36.48 13.81 -17.74
C THR C 104 -36.84 13.84 -19.21
N GLN C 105 -37.03 15.04 -19.78
CA GLN C 105 -37.40 15.15 -21.18
C GLN C 105 -36.23 14.71 -22.06
N ASP C 106 -36.45 13.66 -22.86
CA ASP C 106 -35.49 13.05 -23.76
C ASP C 106 -34.38 12.30 -23.04
N ASN C 107 -34.47 12.15 -21.71
CA ASN C 107 -33.51 11.38 -20.92
C ASN C 107 -32.08 11.82 -21.19
N ARG C 108 -31.83 13.12 -21.03
CA ARG C 108 -30.52 13.69 -21.27
C ARG C 108 -29.76 13.77 -19.93
N THR C 109 -28.71 14.57 -19.87
CA THR C 109 -27.89 14.67 -18.67
C THR C 109 -27.39 16.08 -18.50
N PHE C 110 -27.64 16.66 -17.32
CA PHE C 110 -27.09 17.95 -16.93
C PHE C 110 -25.82 17.72 -16.12
N ILE C 111 -24.70 18.23 -16.63
CA ILE C 111 -23.40 18.05 -16.00
C ILE C 111 -22.88 19.41 -15.54
N GLN C 112 -22.45 19.48 -14.28
CA GLN C 112 -21.83 20.67 -13.72
C GLN C 112 -20.43 20.32 -13.24
N TRP C 113 -19.44 21.08 -13.68
CA TRP C 113 -18.03 20.80 -13.38
C TRP C 113 -17.42 22.03 -12.71
N ASN C 114 -17.17 21.91 -11.40
CA ASN C 114 -16.63 23.01 -10.61
C ASN C 114 -15.23 22.68 -10.15
N VAL C 115 -14.31 23.62 -10.33
CA VAL C 115 -12.94 23.49 -9.84
C VAL C 115 -12.60 24.72 -9.00
N SER C 116 -11.71 24.53 -8.04
CA SER C 116 -11.24 25.61 -7.18
C SER C 116 -9.78 25.35 -6.84
N PHE C 117 -8.98 26.42 -6.86
CA PHE C 117 -7.54 26.29 -6.62
C PHE C 117 -6.98 27.66 -6.28
N THR C 118 -5.79 27.63 -5.69
CA THR C 118 -4.98 28.82 -5.48
C THR C 118 -3.75 28.73 -6.38
N THR C 119 -3.30 29.88 -6.87
CA THR C 119 -2.17 29.92 -7.80
C THR C 119 -1.28 31.10 -7.50
N THR C 120 -0.01 30.98 -7.86
CA THR C 120 0.94 32.07 -7.81
C THR C 120 1.36 32.53 -9.20
N HIS C 121 0.66 32.10 -10.23
CA HIS C 121 1.00 32.48 -11.60
C HIS C 121 0.84 33.99 -11.75
N PRO C 122 1.78 34.68 -12.41
CA PRO C 122 1.68 36.14 -12.51
C PRO C 122 0.45 36.62 -13.24
N SER C 123 -0.07 35.84 -14.18
CA SER C 123 -1.31 36.14 -14.91
C SER C 123 -2.35 35.09 -14.55
N PRO C 124 -3.07 35.25 -13.43
CA PRO C 124 -4.08 34.23 -13.06
C PRO C 124 -5.26 34.19 -14.01
N GLU C 125 -5.62 35.32 -14.63
CA GLU C 125 -6.78 35.35 -15.50
C GLU C 125 -6.55 34.56 -16.78
N ALA C 126 -5.29 34.42 -17.21
CA ALA C 126 -4.99 33.59 -18.36
C ALA C 126 -4.94 32.12 -18.01
N LEU C 127 -4.52 31.79 -16.78
CA LEU C 127 -4.52 30.40 -16.34
C LEU C 127 -5.93 29.89 -16.09
N VAL C 128 -6.82 30.75 -15.61
CA VAL C 128 -8.22 30.36 -15.42
C VAL C 128 -8.88 30.09 -16.77
N ALA C 129 -8.60 30.93 -17.77
CA ALA C 129 -9.17 30.72 -19.09
C ALA C 129 -8.63 29.46 -19.75
N GLU C 130 -7.43 29.03 -19.38
CA GLU C 130 -6.87 27.80 -19.93
C GLU C 130 -7.60 26.58 -19.38
N ILE C 131 -7.78 26.53 -18.05
CA ILE C 131 -8.46 25.40 -17.44
C ILE C 131 -9.93 25.36 -17.85
N LYS C 132 -10.54 26.53 -18.01
CA LYS C 132 -11.97 26.59 -18.36
C LYS C 132 -12.22 25.96 -19.72
N ASN C 133 -11.46 26.37 -20.74
CA ASN C 133 -11.73 25.95 -22.10
C ASN C 133 -11.08 24.62 -22.46
N ASN C 134 -9.82 24.43 -22.10
CA ASN C 134 -9.06 23.27 -22.56
C ASN C 134 -9.13 22.07 -21.60
N VAL C 135 -9.68 22.24 -20.41
CA VAL C 135 -9.85 21.15 -19.46
C VAL C 135 -11.33 20.83 -19.25
N LEU C 136 -12.13 21.83 -18.89
CA LEU C 136 -13.53 21.60 -18.58
C LEU C 136 -14.39 21.55 -19.85
N ILE C 137 -14.41 22.64 -20.61
CA ILE C 137 -15.23 22.70 -21.82
C ILE C 137 -14.77 21.65 -22.82
N ALA C 138 -13.45 21.47 -22.95
CA ALA C 138 -12.95 20.41 -23.83
C ALA C 138 -13.30 19.03 -23.29
N GLY C 139 -13.34 18.87 -21.96
CA GLY C 139 -13.69 17.59 -21.39
C GLY C 139 -15.16 17.24 -21.59
N ILE C 140 -16.04 18.22 -21.44
CA ILE C 140 -17.47 17.98 -21.67
C ILE C 140 -17.74 17.73 -23.15
N ASN C 141 -17.13 18.54 -24.03
CA ASN C 141 -17.27 18.31 -25.45
C ASN C 141 -16.67 16.97 -25.85
N GLY C 142 -15.53 16.61 -25.25
CA GLY C 142 -14.96 15.31 -25.50
C GLY C 142 -15.81 14.19 -24.96
N LEU C 143 -16.43 14.40 -23.79
CA LEU C 143 -17.37 13.42 -23.26
C LEU C 143 -18.59 13.27 -24.16
N ASN C 144 -19.00 14.36 -24.82
CA ASN C 144 -20.14 14.28 -25.74
C ASN C 144 -19.73 13.58 -27.04
N ASP C 145 -18.53 13.87 -27.54
CA ASP C 145 -18.01 13.17 -28.71
C ASP C 145 -17.74 11.69 -28.43
N TYR C 146 -17.59 11.32 -27.14
CA TYR C 146 -17.29 9.93 -26.81
C TYR C 146 -18.51 9.03 -27.02
N PHE C 147 -19.68 9.49 -26.62
CA PHE C 147 -20.90 8.69 -26.69
C PHE C 147 -21.55 8.70 -28.07
N SER C 148 -20.99 9.41 -29.03
CA SER C 148 -21.58 9.45 -30.37
C SER C 148 -20.89 8.46 -31.30
N ASN D 5 8.88 21.34 -23.14
CA ASN D 5 8.11 21.71 -21.95
C ASN D 5 8.87 21.32 -20.68
N MSE D 6 8.16 21.26 -19.56
CA MSE D 6 8.77 20.90 -18.28
C MSE D 6 9.01 19.39 -18.22
O MSE D 6 9.79 18.91 -17.40
CB MSE D 6 7.88 21.34 -17.11
CG MSE D 6 8.62 21.50 -15.80
SE MSE D 6 7.46 22.19 -14.39
CE MSE D 6 6.72 23.74 -15.34
N MSE D 7 8.33 18.66 -19.09
CA MSE D 7 8.50 17.22 -19.18
C MSE D 7 9.76 16.88 -19.97
O MSE D 7 9.98 17.39 -21.06
CB MSE D 7 7.28 16.57 -19.83
CG MSE D 7 5.98 16.75 -19.06
SE MSE D 7 6.06 16.09 -17.23
CE MSE D 7 6.22 14.18 -17.59
N GLU D 8 10.59 16.01 -19.41
CA GLU D 8 11.79 15.53 -20.10
C GLU D 8 11.49 14.19 -20.75
N CYS D 9 12.11 13.96 -21.90
CA CYS D 9 11.90 12.73 -22.67
C CYS D 9 13.24 12.16 -23.09
N ILE D 10 13.41 10.85 -22.90
CA ILE D 10 14.63 10.15 -23.27
C ILE D 10 14.24 8.92 -24.09
N THR D 11 14.93 8.70 -25.20
CA THR D 11 14.67 7.58 -26.08
C THR D 11 15.98 6.90 -26.43
N VAL D 12 16.06 5.59 -26.20
CA VAL D 12 17.23 4.79 -26.50
C VAL D 12 16.78 3.50 -27.14
N SER D 13 17.37 3.15 -28.29
CA SER D 13 17.04 1.93 -28.99
C SER D 13 18.32 1.28 -29.50
N ASP D 14 18.30 -0.06 -29.54
CA ASP D 14 19.45 -0.83 -29.97
C ASP D 14 18.93 -2.15 -30.56
N VAL D 15 19.87 -2.98 -31.02
CA VAL D 15 19.56 -4.28 -31.62
C VAL D 15 20.31 -5.35 -30.85
N ILE D 16 19.58 -6.33 -30.34
CA ILE D 16 20.14 -7.42 -29.57
C ILE D 16 20.09 -8.69 -30.42
N ASN D 17 21.20 -9.42 -30.47
CA ASN D 17 21.27 -10.63 -31.27
C ASN D 17 20.65 -11.83 -30.55
N VAL D 18 19.41 -11.66 -30.09
CA VAL D 18 18.65 -12.71 -29.40
C VAL D 18 17.24 -12.73 -29.98
N SER D 19 16.64 -13.92 -30.02
CA SER D 19 15.28 -14.04 -30.51
C SER D 19 14.33 -13.18 -29.69
N VAL D 20 13.25 -12.72 -30.33
CA VAL D 20 12.35 -11.78 -29.68
C VAL D 20 11.60 -12.44 -28.52
N GLU D 21 11.36 -13.75 -28.60
CA GLU D 21 10.66 -14.44 -27.52
C GLU D 21 11.52 -14.53 -26.26
N GLU D 22 12.83 -14.74 -26.43
CA GLU D 22 13.71 -14.85 -25.28
C GLU D 22 13.95 -13.50 -24.61
N VAL D 23 14.02 -12.44 -25.41
CA VAL D 23 14.14 -11.10 -24.83
C VAL D 23 12.87 -10.73 -24.08
N TRP D 24 11.71 -11.10 -24.63
CA TRP D 24 10.45 -10.80 -23.98
C TRP D 24 10.24 -11.65 -22.73
N LYS D 25 10.80 -12.87 -22.70
CA LYS D 25 10.66 -13.71 -21.52
C LYS D 25 11.35 -13.09 -20.32
N LYS D 26 12.56 -12.57 -20.50
CA LYS D 26 13.30 -11.97 -19.39
C LYS D 26 12.78 -10.58 -19.07
N ILE D 27 12.38 -9.81 -20.09
CA ILE D 27 11.89 -8.45 -19.85
C ILE D 27 10.57 -8.48 -19.11
N SER D 28 9.65 -9.36 -19.52
CA SER D 28 8.33 -9.43 -18.89
C SER D 28 8.37 -10.05 -17.50
N ALA D 29 9.53 -10.49 -17.03
CA ALA D 29 9.61 -11.01 -15.66
C ALA D 29 9.44 -9.90 -14.63
N PHE D 30 9.82 -8.67 -14.99
CA PHE D 30 9.62 -7.48 -14.16
C PHE D 30 10.42 -7.52 -12.87
N ASP D 31 10.23 -8.57 -12.06
CA ASP D 31 10.92 -8.66 -10.78
C ASP D 31 12.37 -9.11 -10.91
N GLU D 32 12.83 -9.42 -12.13
CA GLU D 32 14.20 -9.87 -12.37
C GLU D 32 15.04 -8.76 -13.02
N PHE D 33 14.70 -7.51 -12.74
CA PHE D 33 15.41 -6.38 -13.34
C PHE D 33 16.87 -6.33 -12.91
N SER D 34 17.15 -6.73 -11.67
CA SER D 34 18.52 -6.67 -11.16
C SER D 34 19.43 -7.72 -11.79
N ASP D 35 18.87 -8.75 -12.41
CA ASP D 35 19.69 -9.82 -12.98
C ASP D 35 20.56 -9.30 -14.12
N TYR D 36 19.97 -8.52 -15.02
CA TYR D 36 20.70 -8.02 -16.18
C TYR D 36 21.12 -6.56 -16.06
N HIS D 37 20.57 -5.81 -15.10
CA HIS D 37 20.99 -4.41 -15.00
C HIS D 37 22.16 -4.29 -14.03
N PRO D 38 23.24 -3.60 -14.41
CA PRO D 38 24.40 -3.49 -13.52
C PRO D 38 24.24 -2.48 -12.42
N GLY D 39 23.38 -1.48 -12.59
CA GLY D 39 23.13 -0.50 -11.56
C GLY D 39 22.12 -0.89 -10.51
N ALA D 40 21.42 -2.01 -10.72
CA ALA D 40 20.41 -2.48 -9.78
C ALA D 40 20.98 -3.63 -8.96
N VAL D 41 21.04 -3.44 -7.64
CA VAL D 41 21.59 -4.47 -6.76
C VAL D 41 20.57 -5.57 -6.51
N ARG D 42 19.36 -5.20 -6.10
CA ARG D 42 18.29 -6.15 -5.84
C ARG D 42 17.01 -5.68 -6.51
N SER D 43 16.17 -6.65 -6.89
CA SER D 43 14.87 -6.37 -7.46
C SER D 43 13.94 -7.52 -7.10
N PHE D 44 12.77 -7.20 -6.56
CA PHE D 44 11.83 -8.22 -6.13
C PHE D 44 10.43 -7.64 -6.12
N TYR D 45 9.45 -8.54 -6.06
CA TYR D 45 8.04 -8.15 -6.05
C TYR D 45 7.63 -7.70 -4.65
N LEU D 46 7.06 -6.49 -4.57
CA LEU D 46 6.30 -6.10 -3.39
C LEU D 46 4.86 -6.55 -3.48
N HIS D 47 4.34 -6.74 -4.70
CA HIS D 47 3.01 -7.29 -4.92
C HIS D 47 3.00 -7.88 -6.32
N GLN D 48 2.69 -9.17 -6.43
CA GLN D 48 2.65 -9.87 -7.71
C GLN D 48 1.19 -10.11 -8.08
N ALA D 49 0.72 -9.45 -9.14
CA ALA D 49 -0.65 -9.63 -9.60
C ALA D 49 -0.75 -10.87 -10.47
N ALA D 50 -1.92 -11.52 -10.41
CA ALA D 50 -2.15 -12.74 -11.17
C ALA D 50 -2.08 -12.47 -12.67
N ASP D 51 -2.64 -11.34 -13.12
CA ASP D 51 -2.61 -10.96 -14.53
C ASP D 51 -1.42 -10.06 -14.86
N GLN D 52 -0.32 -10.19 -14.13
CA GLN D 52 0.91 -9.44 -14.37
C GLN D 52 0.73 -7.93 -14.22
N GLN D 53 -0.23 -7.37 -14.95
CA GLN D 53 -0.53 -5.95 -14.80
C GLN D 53 -0.99 -5.65 -13.38
N GLY D 54 -0.50 -4.54 -12.83
CA GLY D 54 -0.78 -4.18 -11.46
C GLY D 54 0.25 -4.64 -10.45
N SER D 55 1.28 -5.35 -10.90
CA SER D 55 2.34 -5.79 -10.00
C SER D 55 3.26 -4.63 -9.63
N ILE D 56 3.77 -4.68 -8.42
CA ILE D 56 4.67 -3.65 -7.89
C ILE D 56 6.00 -4.30 -7.54
N ARG D 57 7.09 -3.70 -7.97
CA ARG D 57 8.43 -4.22 -7.72
C ARG D 57 9.25 -3.17 -6.98
N ARG D 58 10.26 -3.65 -6.24
CA ARG D 58 11.20 -2.80 -5.53
C ARG D 58 12.58 -3.01 -6.15
N VAL D 59 13.15 -1.94 -6.69
CA VAL D 59 14.50 -1.98 -7.28
C VAL D 59 15.42 -1.18 -6.37
N GLU D 60 16.44 -1.85 -5.85
CA GLU D 60 17.36 -1.25 -4.89
C GLU D 60 18.71 -1.00 -5.54
N MSE D 61 19.22 0.22 -5.40
CA MSE D 61 20.55 0.56 -5.86
C MSE D 61 21.44 0.93 -4.68
O MSE D 61 20.98 1.01 -3.55
CB MSE D 61 20.51 1.72 -6.86
CG MSE D 61 19.66 1.47 -8.10
SE MSE D 61 17.77 1.86 -7.84
CE MSE D 61 17.21 1.80 -9.70
N SER D 62 22.73 1.15 -4.96
CA SER D 62 23.60 1.69 -3.92
C SER D 62 23.24 3.12 -3.58
N ASP D 63 22.65 3.85 -4.52
CA ASP D 63 22.26 5.24 -4.28
C ASP D 63 20.95 5.32 -3.51
N GLY D 64 19.94 4.56 -3.94
CA GLY D 64 18.64 4.59 -3.29
C GLY D 64 17.75 3.43 -3.67
N TYR D 65 16.45 3.69 -3.79
CA TYR D 65 15.48 2.65 -4.12
C TYR D 65 14.44 3.22 -5.08
N VAL D 66 13.73 2.31 -5.75
CA VAL D 66 12.66 2.67 -6.67
C VAL D 66 11.56 1.62 -6.56
N GLU D 67 10.32 2.08 -6.42
CA GLU D 67 9.15 1.20 -6.42
C GLU D 67 8.30 1.54 -7.63
N GLU D 68 8.09 0.55 -8.49
CA GLU D 68 7.44 0.75 -9.79
C GLU D 68 6.21 -0.14 -9.92
N LEU D 69 5.19 0.40 -10.58
CA LEU D 69 3.94 -0.31 -10.83
C LEU D 69 3.88 -0.73 -12.30
N LEU D 70 3.53 -2.00 -12.54
CA LEU D 70 3.37 -2.50 -13.90
C LEU D 70 2.00 -2.06 -14.41
N VAL D 71 1.99 -1.00 -15.21
CA VAL D 71 0.71 -0.42 -15.65
C VAL D 71 0.09 -1.24 -16.76
N ASN D 72 0.87 -1.66 -17.74
CA ASN D 72 0.32 -2.38 -18.89
C ASN D 72 1.38 -3.27 -19.51
N ILE D 73 1.05 -4.55 -19.66
CA ILE D 73 1.87 -5.51 -20.41
C ILE D 73 1.05 -6.00 -21.60
N ASP D 74 1.69 -6.11 -22.75
CA ASP D 74 1.00 -6.47 -24.00
C ASP D 74 1.89 -7.43 -24.77
N PRO D 75 1.79 -8.73 -24.48
CA PRO D 75 2.68 -9.69 -25.16
C PRO D 75 2.50 -9.76 -26.67
N LYS D 76 1.29 -9.46 -27.17
CA LYS D 76 1.07 -9.51 -28.61
C LYS D 76 1.94 -8.51 -29.35
N ASN D 77 2.06 -7.29 -28.81
CA ASN D 77 2.84 -6.24 -29.42
C ASN D 77 4.21 -6.07 -28.78
N TYR D 78 4.59 -6.97 -27.86
CA TYR D 78 5.85 -6.86 -27.11
C TYR D 78 6.00 -5.48 -26.48
N HIS D 79 4.91 -4.99 -25.90
CA HIS D 79 4.85 -3.66 -25.33
C HIS D 79 4.79 -3.75 -23.81
N LEU D 80 5.50 -2.86 -23.13
CA LEU D 80 5.59 -2.87 -21.68
C LEU D 80 5.60 -1.43 -21.17
N GLU D 81 4.73 -1.14 -20.21
CA GLU D 81 4.60 0.19 -19.64
C GLU D 81 4.56 0.09 -18.12
N TYR D 82 5.38 0.90 -17.46
CA TYR D 82 5.42 0.92 -16.01
C TYR D 82 5.78 2.31 -15.53
N SER D 83 5.37 2.62 -14.29
CA SER D 83 5.56 3.96 -13.73
C SER D 83 6.09 3.83 -12.30
N ILE D 84 6.70 4.91 -11.83
CA ILE D 84 7.28 4.96 -10.49
C ILE D 84 6.21 5.38 -9.49
N LEU D 85 6.07 4.60 -8.42
CA LEU D 85 5.18 4.96 -7.32
C LEU D 85 5.93 5.73 -6.24
N LYS D 86 7.08 5.23 -5.81
CA LYS D 86 7.91 5.87 -4.80
C LYS D 86 9.38 5.67 -5.15
N SER D 87 10.19 6.68 -4.83
CA SER D 87 11.62 6.59 -5.04
C SER D 87 12.31 7.66 -4.22
N SER D 88 13.60 7.43 -3.95
CA SER D 88 14.44 8.41 -3.26
C SER D 88 15.10 9.39 -4.22
N PHE D 89 14.82 9.29 -5.53
CA PHE D 89 15.35 10.13 -6.58
C PHE D 89 14.37 11.24 -6.94
N PRO D 90 14.85 12.39 -7.41
CA PRO D 90 13.93 13.48 -7.81
C PRO D 90 13.27 13.18 -9.15
N LEU D 91 12.35 12.21 -9.14
CA LEU D 91 11.65 11.77 -10.35
C LEU D 91 10.15 11.90 -10.11
N ASP D 92 9.53 12.87 -10.76
CA ASP D 92 8.11 13.14 -10.63
C ASP D 92 7.40 12.85 -11.96
N GLY D 93 6.25 12.19 -11.87
CA GLY D 93 5.55 11.78 -13.07
C GLY D 93 6.34 10.85 -13.96
N TYR D 94 7.19 10.02 -13.37
CA TYR D 94 8.04 9.13 -14.14
C TYR D 94 7.22 8.00 -14.75
N SER D 95 7.45 7.75 -16.04
CA SER D 95 6.83 6.62 -16.73
C SER D 95 7.81 6.10 -17.78
N ALA D 96 8.03 4.80 -17.78
CA ALA D 96 8.94 4.16 -18.71
C ALA D 96 8.17 3.21 -19.62
N GLU D 97 8.76 2.90 -20.76
CA GLU D 97 8.09 2.10 -21.78
C GLU D 97 9.13 1.31 -22.56
N ILE D 98 8.90 0.01 -22.70
CA ILE D 98 9.79 -0.89 -23.44
C ILE D 98 8.99 -1.51 -24.59
N LYS D 99 9.53 -1.39 -25.80
CA LYS D 99 8.89 -1.91 -27.00
C LYS D 99 9.89 -2.78 -27.75
N LEU D 100 9.47 -3.98 -28.14
CA LEU D 100 10.31 -4.93 -28.85
C LEU D 100 9.70 -5.20 -30.22
N ILE D 101 10.53 -5.13 -31.26
CA ILE D 101 10.12 -5.49 -32.61
C ILE D 101 11.11 -6.54 -33.14
N PRO D 102 10.63 -7.68 -33.62
CA PRO D 102 11.56 -8.71 -34.10
C PRO D 102 12.24 -8.29 -35.39
N VAL D 103 13.50 -8.66 -35.52
CA VAL D 103 14.28 -8.46 -36.74
C VAL D 103 14.35 -9.81 -37.45
N THR D 104 13.65 -9.92 -38.58
CA THR D 104 13.50 -11.22 -39.23
C THR D 104 14.84 -11.78 -39.68
N GLN D 105 15.71 -10.94 -40.20
CA GLN D 105 17.03 -11.40 -40.66
C GLN D 105 17.88 -11.76 -39.45
N ASP D 106 18.30 -13.02 -39.38
CA ASP D 106 19.08 -13.61 -38.30
C ASP D 106 18.34 -13.66 -36.96
N ASN D 107 17.05 -13.31 -36.96
CA ASN D 107 16.19 -13.46 -35.78
C ASN D 107 16.76 -12.70 -34.57
N ARG D 108 16.97 -11.40 -34.76
CA ARG D 108 17.44 -10.54 -33.69
C ARG D 108 16.24 -9.82 -33.06
N THR D 109 16.52 -8.82 -32.24
CA THR D 109 15.47 -8.09 -31.53
C THR D 109 15.79 -6.61 -31.53
N PHE D 110 14.88 -5.80 -32.06
CA PHE D 110 14.95 -4.35 -31.95
C PHE D 110 14.27 -3.94 -30.65
N ILE D 111 15.04 -3.39 -29.72
CA ILE D 111 14.54 -2.96 -28.43
C ILE D 111 14.54 -1.43 -28.37
N GLN D 112 13.44 -0.86 -27.89
CA GLN D 112 13.32 0.58 -27.70
C GLN D 112 12.86 0.85 -26.27
N TRP D 113 13.60 1.73 -25.58
CA TRP D 113 13.34 2.05 -24.19
C TRP D 113 13.10 3.54 -24.08
N ASN D 114 11.87 3.92 -23.70
CA ASN D 114 11.46 5.32 -23.63
C ASN D 114 11.16 5.70 -22.19
N VAL D 115 11.49 6.94 -21.83
CA VAL D 115 11.32 7.44 -20.47
C VAL D 115 10.83 8.88 -20.53
N SER D 116 9.83 9.21 -19.72
CA SER D 116 9.34 10.57 -19.59
C SER D 116 9.12 10.88 -18.11
N PHE D 117 9.53 12.08 -17.70
CA PHE D 117 9.44 12.49 -16.30
C PHE D 117 9.69 13.99 -16.22
N THR D 118 9.54 14.52 -15.01
CA THR D 118 9.95 15.87 -14.68
C THR D 118 10.66 15.83 -13.33
N THR D 119 11.54 16.80 -13.09
CA THR D 119 12.37 16.78 -11.90
C THR D 119 12.48 18.18 -11.31
N THR D 120 12.70 18.23 -10.00
CA THR D 120 13.07 19.46 -9.30
C THR D 120 14.58 19.60 -9.16
N HIS D 121 15.34 18.72 -9.81
CA HIS D 121 16.79 18.77 -9.72
C HIS D 121 17.30 20.08 -10.33
N PRO D 122 18.28 20.74 -9.70
CA PRO D 122 18.76 22.02 -10.24
C PRO D 122 19.44 21.90 -11.59
N SER D 123 20.01 20.72 -11.90
CA SER D 123 20.67 20.48 -13.18
C SER D 123 19.95 19.33 -13.88
N PRO D 124 18.85 19.63 -14.58
CA PRO D 124 18.11 18.54 -15.25
C PRO D 124 18.89 17.88 -16.36
N GLU D 125 19.83 18.59 -17.01
CA GLU D 125 20.63 17.97 -18.06
C GLU D 125 21.51 16.86 -17.52
N ALA D 126 22.10 17.07 -16.33
CA ALA D 126 22.94 16.04 -15.75
C ALA D 126 22.13 14.81 -15.37
N LEU D 127 20.89 15.01 -14.91
CA LEU D 127 20.04 13.88 -14.55
C LEU D 127 19.61 13.10 -15.79
N VAL D 128 19.35 13.81 -16.89
CA VAL D 128 18.98 13.13 -18.14
C VAL D 128 20.15 12.30 -18.66
N ALA D 129 21.35 12.88 -18.65
CA ALA D 129 22.52 12.14 -19.13
C ALA D 129 22.79 10.92 -18.28
N GLU D 130 22.54 11.03 -16.97
CA GLU D 130 22.73 9.89 -16.08
C GLU D 130 21.71 8.78 -16.37
N ILE D 131 20.45 9.16 -16.55
CA ILE D 131 19.41 8.17 -16.82
C ILE D 131 19.62 7.53 -18.19
N LYS D 132 20.00 8.32 -19.19
CA LYS D 132 20.20 7.79 -20.53
C LYS D 132 21.38 6.81 -20.57
N ASN D 133 22.50 7.19 -19.96
CA ASN D 133 23.70 6.38 -20.08
C ASN D 133 23.76 5.26 -19.06
N ASN D 134 23.42 5.54 -17.80
CA ASN D 134 23.62 4.60 -16.71
C ASN D 134 22.37 3.81 -16.35
N VAL D 135 21.25 4.02 -17.05
CA VAL D 135 20.04 3.25 -16.78
C VAL D 135 19.57 2.58 -18.06
N LEU D 136 19.30 3.38 -19.09
CA LEU D 136 18.76 2.84 -20.35
C LEU D 136 19.85 2.13 -21.16
N ILE D 137 20.90 2.87 -21.54
CA ILE D 137 21.97 2.26 -22.32
C ILE D 137 22.67 1.16 -21.52
N ALA D 138 22.88 1.39 -20.23
CA ALA D 138 23.46 0.36 -19.38
C ALA D 138 22.55 -0.85 -19.24
N GLY D 139 21.24 -0.63 -19.26
CA GLY D 139 20.32 -1.75 -19.16
C GLY D 139 20.27 -2.60 -20.42
N ILE D 140 20.34 -1.95 -21.59
CA ILE D 140 20.36 -2.70 -22.84
C ILE D 140 21.69 -3.44 -22.99
N ASN D 141 22.79 -2.75 -22.73
CA ASN D 141 24.10 -3.42 -22.75
C ASN D 141 24.18 -4.50 -21.68
N GLY D 142 23.50 -4.30 -20.55
CA GLY D 142 23.40 -5.38 -19.57
C GLY D 142 22.46 -6.49 -19.99
N LEU D 143 21.56 -6.21 -20.94
CA LEU D 143 20.59 -7.21 -21.36
C LEU D 143 21.22 -8.22 -22.32
N ASN D 144 21.97 -7.75 -23.31
CA ASN D 144 22.62 -8.68 -24.24
C ASN D 144 23.86 -9.31 -23.63
N ASP D 145 24.49 -8.67 -22.65
CA ASP D 145 25.50 -9.35 -21.85
C ASP D 145 24.90 -10.48 -21.03
N TYR D 146 23.63 -10.35 -20.64
CA TYR D 146 22.96 -11.40 -19.88
C TYR D 146 22.76 -12.65 -20.72
N PHE D 147 22.52 -12.49 -22.03
CA PHE D 147 22.30 -13.62 -22.92
C PHE D 147 23.60 -14.18 -23.49
N SER D 148 24.75 -13.59 -23.17
CA SER D 148 26.03 -14.09 -23.65
C SER D 148 26.41 -15.39 -22.95
C1 PEG E . -15.01 -5.58 17.36
O1 PEG E . -13.67 -5.37 16.96
C2 PEG E . -15.67 -6.63 16.52
O2 PEG E . -15.26 -6.49 15.17
C3 PEG E . -16.05 -5.55 14.45
C4 PEG E . -15.16 -4.68 13.61
O4 PEG E . -15.82 -3.47 13.25
K K F . -27.93 -8.74 14.23
CL CL G . -5.25 -4.93 22.16
C1 EDO H . 12.88 -12.23 11.60
O1 EDO H . 12.73 -13.48 12.28
C2 EDO H . 13.37 -11.18 12.60
O2 EDO H . 13.27 -9.88 11.99
C1 PEG I . 13.17 -4.96 11.99
O1 PEG I . 13.11 -3.84 11.13
C2 PEG I . 12.10 -4.92 13.03
O2 PEG I . 10.82 -4.86 12.40
C3 PEG I . 9.82 -4.29 13.23
C4 PEG I . 10.22 -2.89 13.60
O4 PEG I . 10.46 -2.09 12.46
K K J . 7.44 -8.95 24.16
CL CL K . 19.96 -4.09 3.35
CL CL L . -3.34 -16.16 7.63
C1 GOL M . -6.56 18.78 -15.09
O1 GOL M . -6.17 19.64 -14.07
C2 GOL M . -7.41 17.67 -14.44
O2 GOL M . -7.50 16.54 -15.24
C3 GOL M . -8.79 18.31 -14.18
O3 GOL M . -9.67 17.27 -13.92
C1 PEG N . -3.09 2.87 -19.95
O1 PEG N . -1.89 2.47 -20.58
C2 PEG N . -3.85 3.85 -20.79
O2 PEG N . -5.07 4.19 -20.14
C3 PEG N . -6.08 3.21 -20.33
C4 PEG N . -7.27 3.56 -19.47
O4 PEG N . -7.01 3.34 -18.09
K K O . -7.11 10.95 -25.80
CL CL P . -13.14 12.39 -13.64
CL CL Q . -15.11 22.32 -5.42
C1 EDO R . 11.73 -4.79 -16.93
O1 EDO R . 10.49 -5.49 -17.12
C2 EDO R . 11.48 -3.29 -16.96
O2 EDO R . 12.70 -2.59 -16.69
C1 PEG S . 14.81 3.75 -12.04
O1 PEG S . 15.91 4.64 -11.94
C2 PEG S . 15.20 2.47 -12.71
O2 PEG S . 14.05 1.69 -12.95
C3 PEG S . 13.89 1.33 -14.32
C4 PEG S . 13.35 2.49 -15.08
O4 PEG S . 13.71 2.43 -16.44
C1 PEG T . 15.85 -10.87 -4.47
O1 PEG T . 16.48 -11.07 -3.22
C2 PEG T . 16.83 -10.37 -5.49
O2 PEG T . 16.29 -10.55 -6.80
C3 PEG T . 16.11 -11.91 -7.15
C4 PEG T . 14.92 -12.05 -8.05
O4 PEG T . 13.72 -11.65 -7.39
K K U . 23.30 -6.32 -10.64
CL CL V . 6.19 7.12 -21.76
#